data_2R74
#
_entry.id   2R74
#
_cell.length_a   57.850
_cell.length_b   44.580
_cell.length_c   70.410
_cell.angle_alpha   90.000
_cell.angle_beta   101.500
_cell.angle_gamma   90.000
#
_symmetry.space_group_name_H-M   'P 1 21 1'
#
loop_
_entity.id
_entity.type
_entity.pdbx_description
1 polymer Trichosurin
2 non-polymer 'ZINC ION'
3 non-polymer 'CHLORIDE ION'
4 non-polymer 'ISOPROPYL ALCOHOL'
5 water water
#
_entity_poly.entity_id   1
_entity_poly.type   'polypeptide(L)'
_entity_poly.pdbx_seq_one_letter_code
;MLQPECSRSEEDLSDEKERKWEQLSRHWHTVVLASSDRSLIEEEGPFRNFIQNITVESGNLNGFFLTRKNGQCIPLYLTA
FKTEEARQFKLNYYGTNDVYYESSKPNEYAKFIFYNYHDGKVNVVANLFGRTPNLSNEIKKRFEEDFMNRGFRRENILDI
SEVDHC
;
_entity_poly.pdbx_strand_id   A,B
#
loop_
_chem_comp.id
_chem_comp.type
_chem_comp.name
_chem_comp.formula
CL non-polymer 'CHLORIDE ION' 'Cl -1'
IPA non-polymer 'ISOPROPYL ALCOHOL' 'C3 H8 O'
ZN non-polymer 'ZINC ION' 'Zn 2'
#
# COMPACT_ATOMS: atom_id res chain seq x y z
N LEU A 24 -11.09 9.12 -16.42
CA LEU A 24 -11.22 9.06 -14.94
C LEU A 24 -12.04 10.24 -14.41
N ARG A 26 -14.38 12.24 -14.35
CA ARG A 26 -15.76 12.63 -14.56
C ARG A 26 -16.72 12.07 -13.53
N HIS A 27 -17.91 11.70 -13.99
CA HIS A 27 -19.01 11.18 -13.17
C HIS A 27 -18.76 9.83 -12.46
N TRP A 28 -18.84 9.82 -11.13
CA TRP A 28 -18.64 8.57 -10.37
C TRP A 28 -19.57 8.43 -9.17
N HIS A 29 -19.68 7.19 -8.67
CA HIS A 29 -20.51 6.85 -7.52
C HIS A 29 -19.75 5.87 -6.64
N THR A 30 -19.82 6.03 -5.32
CA THR A 30 -19.14 5.10 -4.43
C THR A 30 -20.11 3.94 -4.27
N VAL A 31 -19.67 2.74 -4.63
CA VAL A 31 -20.51 1.54 -4.54
C VAL A 31 -20.15 0.61 -3.39
N VAL A 32 -18.86 0.45 -3.10
CA VAL A 32 -18.43 -0.42 -2.00
C VAL A 32 -17.23 0.18 -1.26
N LEU A 33 -17.26 0.08 0.06
CA LEU A 33 -16.17 0.56 0.92
C LEU A 33 -15.71 -0.62 1.78
N ALA A 34 -14.41 -0.73 1.97
CA ALA A 34 -13.86 -1.81 2.79
C ALA A 34 -12.67 -1.24 3.55
N SER A 35 -12.55 -1.61 4.82
CA SER A 35 -11.44 -1.08 5.60
C SER A 35 -10.96 -2.02 6.69
N SER A 36 -9.68 -1.91 7.02
CA SER A 36 -9.08 -2.72 8.07
C SER A 36 -9.64 -2.28 9.42
N ASP A 37 -10.12 -1.04 9.49
CA ASP A 37 -10.71 -0.49 10.71
C ASP A 37 -12.12 -0.07 10.32
N ARG A 38 -13.09 -0.90 10.67
CA ARG A 38 -14.48 -0.66 10.34
C ARG A 38 -15.01 0.73 10.69
N SER A 39 -14.61 1.26 11.84
CA SER A 39 -15.09 2.58 12.24
C SER A 39 -14.74 3.67 11.23
N LEU A 40 -13.68 3.47 10.46
CA LEU A 40 -13.28 4.47 9.47
C LEU A 40 -14.34 4.70 8.40
N ILE A 41 -15.13 3.67 8.12
CA ILE A 41 -16.17 3.79 7.10
C ILE A 41 -17.61 3.68 7.62
N GLU A 42 -17.77 3.69 8.94
CA GLU A 42 -19.10 3.64 9.52
C GLU A 42 -19.68 5.04 9.46
N GLU A 43 -20.95 5.18 9.82
CA GLU A 43 -21.62 6.47 9.80
C GLU A 43 -20.74 7.59 10.36
N GLU A 44 -20.54 8.62 9.56
CA GLU A 44 -19.71 9.77 9.92
C GLU A 44 -18.24 9.47 10.12
N GLY A 45 -17.80 8.29 9.69
CA GLY A 45 -16.39 7.93 9.81
C GLY A 45 -15.59 8.80 8.87
N PRO A 46 -14.30 9.01 9.14
CA PRO A 46 -13.44 9.84 8.28
C PRO A 46 -13.36 9.40 6.82
N PHE A 47 -13.58 8.12 6.55
CA PHE A 47 -13.50 7.65 5.17
C PHE A 47 -14.86 7.27 4.57
N ARG A 48 -15.94 7.61 5.25
CA ARG A 48 -17.26 7.31 4.72
C ARG A 48 -17.66 8.50 3.88
N ASN A 49 -16.99 8.64 2.74
CA ASN A 49 -17.24 9.73 1.81
C ASN A 49 -17.80 9.15 0.51
N PHE A 50 -18.69 9.90 -0.13
CA PHE A 50 -19.32 9.44 -1.36
C PHE A 50 -18.89 10.31 -2.53
N ILE A 51 -18.09 9.73 -3.42
CA ILE A 51 -17.57 10.46 -4.55
C ILE A 51 -18.70 10.93 -5.46
N GLN A 52 -18.52 12.08 -6.07
CA GLN A 52 -19.52 12.64 -6.97
C GLN A 52 -18.85 12.88 -8.32
N ASN A 53 -17.67 13.46 -8.27
CA ASN A 53 -16.95 13.83 -9.48
C ASN A 53 -15.45 13.76 -9.27
N ILE A 54 -14.73 13.40 -10.33
CA ILE A 54 -13.27 13.33 -10.29
C ILE A 54 -12.75 14.08 -11.53
N THR A 55 -11.97 15.14 -11.29
CA THR A 55 -11.41 15.93 -12.38
C THR A 55 -9.89 15.80 -12.40
N VAL A 56 -9.34 15.45 -13.57
CA VAL A 56 -7.90 15.29 -13.70
C VAL A 56 -7.27 16.65 -14.07
N GLU A 57 -6.50 17.20 -13.15
CA GLU A 57 -5.86 18.50 -13.35
C GLU A 57 -4.34 18.32 -13.30
N SER A 58 -3.71 18.39 -14.47
CA SER A 58 -2.26 18.25 -14.56
C SER A 58 -1.75 16.97 -13.91
N GLY A 59 -2.43 15.85 -14.18
CA GLY A 59 -2.01 14.59 -13.62
C GLY A 59 -2.48 14.36 -12.19
N ASN A 60 -3.07 15.38 -11.58
CA ASN A 60 -3.58 15.24 -10.21
C ASN A 60 -5.07 14.91 -10.28
N LEU A 61 -5.58 14.28 -9.23
CA LEU A 61 -7.00 13.93 -9.21
C LEU A 61 -7.78 14.82 -8.25
N ASN A 62 -8.61 15.71 -8.82
CA ASN A 62 -9.43 16.60 -8.02
C ASN A 62 -10.76 15.90 -7.73
N GLY A 63 -10.93 15.45 -6.49
CA GLY A 63 -12.15 14.76 -6.14
C GLY A 63 -13.16 15.59 -5.36
N PHE A 64 -14.43 15.44 -5.74
CA PHE A 64 -15.53 16.12 -5.08
C PHE A 64 -16.43 15.04 -4.49
N PHE A 65 -16.52 15.04 -3.16
CA PHE A 65 -17.34 14.06 -2.44
C PHE A 65 -18.38 14.77 -1.58
N LEU A 66 -19.28 13.97 -1.03
CA LEU A 66 -20.28 14.44 -0.10
C LEU A 66 -20.03 13.57 1.12
N THR A 67 -20.32 14.10 2.30
CA THR A 67 -20.13 13.36 3.53
C THR A 67 -21.11 13.90 4.56
N ARG A 68 -21.50 13.04 5.50
CA ARG A 68 -22.44 13.40 6.56
C ARG A 68 -21.64 13.77 7.81
N LYS A 69 -21.87 14.98 8.30
CA LYS A 69 -21.16 15.51 9.46
C LYS A 69 -22.12 16.24 10.39
N ASN A 70 -22.39 15.63 11.53
CA ASN A 70 -23.29 16.18 12.54
C ASN A 70 -24.73 16.46 12.12
N GLY A 71 -25.31 15.58 11.32
CA GLY A 71 -26.71 15.73 10.95
C GLY A 71 -27.03 16.40 9.63
N GLN A 72 -26.04 16.48 8.75
CA GLN A 72 -26.28 17.05 7.42
C GLN A 72 -25.31 16.45 6.40
N CYS A 73 -25.51 16.78 5.13
CA CYS A 73 -24.65 16.34 4.04
C CYS A 73 -23.84 17.56 3.61
N ILE A 74 -22.53 17.42 3.66
CA ILE A 74 -21.64 18.51 3.29
C ILE A 74 -20.62 18.13 2.23
N PRO A 75 -20.23 19.12 1.41
CA PRO A 75 -19.25 18.93 0.33
C PRO A 75 -17.85 18.71 0.89
N LEU A 76 -17.08 17.89 0.20
CA LEU A 76 -15.70 17.61 0.59
C LEU A 76 -14.88 17.54 -0.67
N TYR A 77 -13.88 18.41 -0.78
CA TYR A 77 -13.01 18.41 -1.95
C TYR A 77 -11.61 18.01 -1.53
N LEU A 78 -11.04 17.04 -2.23
CA LEU A 78 -9.70 16.56 -1.94
C LEU A 78 -8.92 16.30 -3.21
N THR A 79 -7.63 16.64 -3.21
CA THR A 79 -6.81 16.40 -4.39
C THR A 79 -5.74 15.36 -4.11
N ALA A 80 -5.71 14.32 -4.93
CA ALA A 80 -4.69 13.29 -4.79
C ALA A 80 -3.64 13.72 -5.81
N PHE A 81 -2.47 14.10 -5.32
CA PHE A 81 -1.39 14.56 -6.20
C PHE A 81 -0.58 13.42 -6.78
N LYS A 82 -0.20 13.59 -8.05
CA LYS A 82 0.60 12.61 -8.77
C LYS A 82 1.95 12.44 -8.09
N THR A 83 2.62 11.33 -8.38
CA THR A 83 3.94 11.04 -7.83
C THR A 83 4.84 10.62 -8.99
N GLU A 84 6.02 10.11 -8.66
CA GLU A 84 6.97 9.68 -9.67
C GLU A 84 6.47 8.51 -10.51
N GLU A 85 5.43 7.82 -10.03
CA GLU A 85 4.91 6.69 -10.78
C GLU A 85 3.40 6.73 -10.99
N ALA A 86 3.01 6.39 -12.22
CA ALA A 86 1.62 6.40 -12.62
C ALA A 86 0.70 5.60 -11.71
N ARG A 87 -0.54 6.06 -11.62
CA ARG A 87 -1.57 5.42 -10.83
C ARG A 87 -1.31 5.45 -9.32
N GLN A 88 -0.20 6.06 -8.91
CA GLN A 88 0.07 6.20 -7.50
C GLN A 88 -0.03 7.69 -7.14
N PHE A 89 -0.74 8.00 -6.07
CA PHE A 89 -0.92 9.39 -5.68
C PHE A 89 -0.66 9.60 -4.20
N LYS A 90 -0.59 10.87 -3.81
CA LYS A 90 -0.35 11.27 -2.43
C LYS A 90 -1.50 12.18 -2.02
N LEU A 91 -2.08 11.92 -0.85
CA LEU A 91 -3.19 12.73 -0.37
C LEU A 91 -3.05 13.06 1.11
N ASN A 92 -3.29 14.31 1.46
CA ASN A 92 -3.22 14.72 2.86
C ASN A 92 -4.65 14.80 3.38
N TYR A 93 -4.98 13.86 4.26
CA TYR A 93 -6.31 13.79 4.86
C TYR A 93 -6.28 12.79 6.00
N TYR A 94 -6.82 13.19 7.15
CA TYR A 94 -6.85 12.33 8.32
C TYR A 94 -5.44 11.76 8.49
N GLY A 95 -4.46 12.60 8.22
CA GLY A 95 -3.07 12.20 8.28
C GLY A 95 -2.52 12.21 6.87
N THR A 96 -1.76 11.19 6.50
CA THR A 96 -1.21 11.13 5.15
C THR A 96 -1.67 9.82 4.50
N ASN A 97 -1.71 9.79 3.17
CA ASN A 97 -2.16 8.58 2.48
C ASN A 97 -1.42 8.30 1.19
N ASP A 98 -1.13 7.01 0.96
CA ASP A 98 -0.51 6.58 -0.28
C ASP A 98 -1.75 6.08 -1.02
N VAL A 99 -2.01 6.60 -2.21
CA VAL A 99 -3.19 6.22 -2.98
C VAL A 99 -2.86 5.50 -4.28
N TYR A 100 -3.44 4.32 -4.48
CA TYR A 100 -3.20 3.54 -5.69
C TYR A 100 -4.50 3.33 -6.47
N TYR A 101 -4.45 3.61 -7.76
CA TYR A 101 -5.59 3.46 -8.65
C TYR A 101 -5.46 2.17 -9.45
N GLU A 102 -6.57 1.45 -9.60
CA GLU A 102 -6.59 0.21 -10.37
C GLU A 102 -7.93 0.07 -11.09
N SER A 103 -7.91 -0.62 -12.23
CA SER A 103 -9.12 -0.89 -13.00
C SER A 103 -8.82 -1.59 -14.31
N SER A 104 -9.51 -2.70 -14.53
CA SER A 104 -9.36 -3.46 -15.77
C SER A 104 -10.15 -2.71 -16.84
N LYS A 105 -11.28 -2.17 -16.44
CA LYS A 105 -12.13 -1.43 -17.36
C LYS A 105 -12.39 -0.05 -16.78
N PRO A 106 -11.46 0.87 -17.04
CA PRO A 106 -11.45 2.28 -16.61
C PRO A 106 -12.71 3.09 -16.88
N ASN A 107 -13.54 2.63 -17.81
CA ASN A 107 -14.76 3.37 -18.12
C ASN A 107 -15.98 2.76 -17.45
N GLU A 108 -15.81 1.62 -16.79
CA GLU A 108 -16.91 0.95 -16.10
C GLU A 108 -16.79 1.10 -14.59
N TYR A 109 -15.57 1.02 -14.08
CA TYR A 109 -15.36 1.15 -12.64
C TYR A 109 -13.94 1.62 -12.35
N ALA A 110 -13.74 2.10 -11.14
CA ALA A 110 -12.42 2.56 -10.71
C ALA A 110 -12.21 2.08 -9.27
N LYS A 111 -11.03 1.55 -8.98
CA LYS A 111 -10.73 1.12 -7.63
C LYS A 111 -9.61 1.98 -7.08
N PHE A 112 -9.82 2.53 -5.90
CA PHE A 112 -8.81 3.33 -5.25
C PHE A 112 -8.49 2.71 -3.89
N ILE A 113 -7.22 2.39 -3.68
CA ILE A 113 -6.78 1.81 -2.42
C ILE A 113 -6.04 2.87 -1.62
N PHE A 114 -6.53 3.17 -0.43
CA PHE A 114 -5.89 4.16 0.42
C PHE A 114 -5.18 3.50 1.58
N TYR A 115 -3.90 3.82 1.74
CA TYR A 115 -3.14 3.33 2.88
C TYR A 115 -3.01 4.58 3.73
N ASN A 116 -3.80 4.64 4.79
CA ASN A 116 -3.82 5.81 5.67
C ASN A 116 -2.87 5.69 6.86
N TYR A 117 -2.07 6.74 7.06
CA TYR A 117 -1.13 6.77 8.16
C TYR A 117 -1.64 7.82 9.15
N HIS A 118 -2.28 7.34 10.21
CA HIS A 118 -2.83 8.24 11.22
C HIS A 118 -2.06 8.05 12.52
N ASP A 119 -1.26 9.06 12.85
CA ASP A 119 -0.44 9.05 14.06
C ASP A 119 0.28 7.72 14.25
N GLY A 120 1.09 7.34 13.28
CA GLY A 120 1.83 6.10 13.40
C GLY A 120 1.09 4.81 13.07
N LYS A 121 -0.24 4.84 13.01
CA LYS A 121 -0.96 3.62 12.69
C LYS A 121 -1.41 3.54 11.25
N VAL A 122 -1.27 2.36 10.66
CA VAL A 122 -1.62 2.14 9.27
C VAL A 122 -2.94 1.38 9.12
N ASN A 123 -3.75 1.82 8.16
CA ASN A 123 -5.02 1.17 7.85
C ASN A 123 -5.16 1.20 6.34
N VAL A 124 -5.93 0.27 5.81
CA VAL A 124 -6.18 0.23 4.37
C VAL A 124 -7.66 0.47 4.17
N VAL A 125 -7.99 1.35 3.23
CA VAL A 125 -9.38 1.65 2.91
C VAL A 125 -9.51 1.49 1.41
N ALA A 126 -10.28 0.51 0.97
CA ALA A 126 -10.47 0.25 -0.45
C ALA A 126 -11.81 0.81 -0.90
N ASN A 127 -11.78 1.55 -2.01
CA ASN A 127 -12.98 2.17 -2.55
C ASN A 127 -13.25 1.61 -3.95
N LEU A 128 -14.51 1.23 -4.21
CA LEU A 128 -14.91 0.73 -5.53
C LEU A 128 -15.93 1.73 -6.07
N PHE A 129 -15.59 2.40 -7.17
CA PHE A 129 -16.45 3.40 -7.80
C PHE A 129 -17.10 2.87 -9.08
N GLY A 130 -18.34 3.28 -9.32
CA GLY A 130 -19.04 2.86 -10.52
C GLY A 130 -19.59 4.08 -11.25
N ARG A 131 -19.88 3.92 -12.54
CA ARG A 131 -20.43 5.02 -13.33
C ARG A 131 -21.84 5.38 -12.89
N THR A 132 -22.52 4.40 -12.30
CA THR A 132 -23.87 4.58 -11.79
C THR A 132 -23.83 4.11 -10.32
N PRO A 133 -24.96 4.24 -9.59
CA PRO A 133 -24.96 3.82 -8.18
C PRO A 133 -24.67 2.35 -7.82
N ASN A 134 -24.68 1.46 -8.81
CA ASN A 134 -24.39 0.06 -8.52
C ASN A 134 -23.44 -0.50 -9.58
N LEU A 135 -22.88 -1.68 -9.32
CA LEU A 135 -21.96 -2.35 -10.24
C LEU A 135 -22.33 -3.83 -10.34
N SER A 136 -21.89 -4.48 -11.41
CA SER A 136 -22.18 -5.90 -11.60
C SER A 136 -21.77 -6.74 -10.40
N ASN A 137 -22.50 -7.83 -10.17
CA ASN A 137 -22.19 -8.71 -9.06
C ASN A 137 -20.78 -9.29 -9.22
N GLU A 138 -20.37 -9.48 -10.47
CA GLU A 138 -19.05 -10.01 -10.77
C GLU A 138 -17.95 -9.09 -10.24
N ILE A 139 -18.01 -7.82 -10.62
CA ILE A 139 -17.03 -6.84 -10.17
C ILE A 139 -17.03 -6.72 -8.64
N LYS A 140 -18.22 -6.63 -8.05
CA LYS A 140 -18.34 -6.50 -6.60
C LYS A 140 -17.81 -7.73 -5.86
N LYS A 141 -18.08 -8.91 -6.40
CA LYS A 141 -17.63 -10.14 -5.77
C LYS A 141 -16.10 -10.22 -5.75
N ARG A 142 -15.47 -9.94 -6.88
CA ARG A 142 -14.02 -10.00 -6.93
C ARG A 142 -13.42 -8.98 -5.97
N PHE A 143 -13.99 -7.78 -5.95
CA PHE A 143 -13.50 -6.73 -5.05
C PHE A 143 -13.57 -7.21 -3.60
N GLU A 144 -14.71 -7.79 -3.24
CA GLU A 144 -14.92 -8.28 -1.88
C GLU A 144 -14.07 -9.50 -1.53
N GLU A 145 -13.84 -10.38 -2.50
CA GLU A 145 -13.02 -11.56 -2.25
C GLU A 145 -11.56 -11.16 -2.05
N ASP A 146 -11.09 -10.22 -2.88
CA ASP A 146 -9.71 -9.75 -2.75
C ASP A 146 -9.50 -9.20 -1.35
N PHE A 147 -10.49 -8.46 -0.85
CA PHE A 147 -10.39 -7.90 0.49
C PHE A 147 -10.31 -9.02 1.52
N MET A 148 -11.21 -9.99 1.41
CA MET A 148 -11.24 -11.11 2.35
C MET A 148 -10.00 -11.99 2.25
N ASN A 149 -9.47 -12.13 1.04
CA ASN A 149 -8.27 -12.95 0.84
C ASN A 149 -7.07 -12.38 1.57
N ARG A 150 -7.21 -11.14 2.04
CA ARG A 150 -6.13 -10.48 2.75
C ARG A 150 -6.35 -10.51 4.27
N GLY A 151 -7.16 -11.46 4.72
CA GLY A 151 -7.41 -11.63 6.14
C GLY A 151 -8.43 -10.73 6.83
N PHE A 152 -9.23 -10.01 6.05
CA PHE A 152 -10.23 -9.12 6.65
C PHE A 152 -11.61 -9.75 6.70
N ARG A 153 -12.35 -9.43 7.75
CA ARG A 153 -13.69 -9.97 7.94
C ARG A 153 -14.73 -9.37 7.01
N ARG A 154 -15.68 -10.20 6.59
CA ARG A 154 -16.75 -9.77 5.70
C ARG A 154 -17.51 -8.57 6.29
N GLU A 155 -17.50 -8.48 7.62
CA GLU A 155 -18.18 -7.40 8.33
C GLU A 155 -17.57 -6.04 8.01
N ASN A 156 -16.33 -6.03 7.51
CA ASN A 156 -15.64 -4.78 7.21
C ASN A 156 -15.81 -4.30 5.78
N ILE A 157 -16.70 -4.95 5.04
CA ILE A 157 -16.98 -4.54 3.67
C ILE A 157 -18.39 -3.97 3.68
N LEU A 158 -18.54 -2.74 3.20
CA LEU A 158 -19.84 -2.10 3.18
C LEU A 158 -20.30 -1.77 1.77
N ASP A 159 -21.29 -2.51 1.29
CA ASP A 159 -21.85 -2.28 -0.03
C ASP A 159 -22.86 -1.16 0.18
N ILE A 160 -22.54 0.05 -0.23
CA ILE A 160 -23.47 1.15 -0.02
C ILE A 160 -24.48 1.35 -1.14
N SER A 161 -24.37 0.56 -2.20
CA SER A 161 -25.31 0.68 -3.32
C SER A 161 -26.70 0.33 -2.81
N GLU A 162 -26.74 -0.55 -1.81
CA GLU A 162 -27.98 -1.02 -1.22
C GLU A 162 -28.36 -0.22 0.02
N VAL A 163 -27.86 1.01 0.11
CA VAL A 163 -28.15 1.88 1.25
C VAL A 163 -28.30 3.32 0.81
N ASP A 164 -29.18 4.05 1.48
CA ASP A 164 -29.39 5.45 1.15
C ASP A 164 -28.32 6.25 1.89
N HIS A 165 -27.70 7.19 1.18
CA HIS A 165 -26.64 8.00 1.76
C HIS A 165 -26.64 9.35 1.08
N CYS A 166 -25.76 10.24 1.54
CA CYS A 166 -25.66 11.58 0.99
C CYS A 166 -25.40 11.53 -0.51
N LEU B 24 15.72 -7.13 -12.60
CA LEU B 24 15.93 -7.13 -11.12
C LEU B 24 16.85 -8.25 -10.69
N ARG B 26 19.14 -9.96 -10.38
CA ARG B 26 20.49 -10.35 -10.06
C ARG B 26 20.90 -10.07 -8.61
N HIS B 27 22.14 -9.62 -8.47
CA HIS B 27 22.80 -9.34 -7.20
C HIS B 27 22.27 -8.14 -6.39
N TRP B 28 21.85 -8.38 -5.14
CA TRP B 28 21.36 -7.29 -4.27
C TRP B 28 21.76 -7.44 -2.80
N HIS B 29 21.74 -6.32 -2.09
CA HIS B 29 22.04 -6.23 -0.66
C HIS B 29 20.97 -5.38 0.02
N THR B 30 20.56 -5.77 1.23
CA THR B 30 19.59 -4.98 1.97
C THR B 30 20.45 -3.91 2.65
N VAL B 31 20.09 -2.65 2.49
CA VAL B 31 20.86 -1.56 3.06
C VAL B 31 20.08 -0.83 4.14
N VAL B 32 18.79 -0.61 3.91
CA VAL B 32 17.94 0.05 4.89
C VAL B 32 16.58 -0.64 4.99
N LEU B 33 16.11 -0.80 6.23
CA LEU B 33 14.81 -1.39 6.49
C LEU B 33 14.04 -0.34 7.26
N ALA B 34 12.73 -0.24 7.00
CA ALA B 34 11.89 0.73 7.69
C ALA B 34 10.52 0.11 7.87
N SER B 35 9.90 0.32 9.02
CA SER B 35 8.60 -0.30 9.26
C SER B 35 7.71 0.48 10.22
N SER B 36 6.40 0.37 10.01
CA SER B 36 5.44 1.03 10.88
C SER B 36 5.45 0.34 12.24
N ASP B 37 5.90 -0.92 12.25
CA ASP B 37 6.01 -1.69 13.48
C ASP B 37 7.47 -2.10 13.58
N ARG B 38 8.23 -1.36 14.37
CA ARG B 38 9.66 -1.59 14.55
C ARG B 38 10.05 -3.03 14.83
N SER B 39 9.24 -3.75 15.61
CA SER B 39 9.58 -5.12 15.95
C SER B 39 9.65 -6.03 14.74
N LEU B 40 8.95 -5.66 13.67
CA LEU B 40 8.97 -6.48 12.47
C LEU B 40 10.36 -6.59 11.84
N ILE B 41 11.20 -5.57 12.05
CA ILE B 41 12.54 -5.57 11.47
C ILE B 41 13.70 -5.62 12.45
N GLU B 42 13.40 -5.70 13.75
CA GLU B 42 14.44 -5.81 14.76
C GLU B 42 14.81 -7.30 14.80
N GLU B 43 15.80 -7.66 15.60
CA GLU B 43 16.19 -9.06 15.68
C GLU B 43 14.97 -9.94 15.96
N GLU B 44 14.93 -11.10 15.32
CA GLU B 44 13.82 -12.04 15.47
C GLU B 44 12.53 -11.61 14.77
N GLY B 45 12.54 -10.43 14.16
CA GLY B 45 11.36 -9.95 13.46
C GLY B 45 11.14 -10.67 12.14
N PRO B 46 9.88 -10.91 11.75
CA PRO B 46 9.50 -11.60 10.51
C PRO B 46 10.01 -10.93 9.24
N PHE B 47 10.27 -9.62 9.29
CA PHE B 47 10.77 -8.91 8.11
C PHE B 47 12.24 -8.52 8.17
N ARG B 48 12.97 -9.05 9.14
CA ARG B 48 14.40 -8.75 9.21
C ARG B 48 15.11 -9.83 8.39
N ASN B 49 14.97 -9.71 7.07
CA ASN B 49 15.60 -10.65 6.14
C ASN B 49 16.54 -9.86 5.23
N PHE B 50 17.62 -10.52 4.79
CA PHE B 50 18.62 -9.85 3.97
C PHE B 50 18.65 -10.42 2.56
N ILE B 51 18.22 -9.61 1.60
CA ILE B 51 18.19 -10.07 0.22
C ILE B 51 19.59 -10.43 -0.28
N GLN B 52 19.66 -11.50 -1.08
CA GLN B 52 20.92 -11.96 -1.65
C GLN B 52 20.80 -11.90 -3.16
N ASN B 53 19.67 -12.36 -3.67
CA ASN B 53 19.47 -12.39 -5.11
C ASN B 53 18.00 -12.31 -5.51
N ILE B 54 17.74 -11.70 -6.67
CA ILE B 54 16.40 -11.61 -7.20
C ILE B 54 16.44 -12.09 -8.64
N THR B 55 15.64 -13.11 -8.93
CA THR B 55 15.59 -13.68 -10.28
C THR B 55 14.18 -13.51 -10.82
N VAL B 56 14.08 -13.00 -12.04
CA VAL B 56 12.78 -12.80 -12.67
C VAL B 56 12.43 -14.05 -13.47
N GLU B 57 11.21 -14.54 -13.28
CA GLU B 57 10.73 -15.72 -13.97
C GLU B 57 9.27 -15.54 -14.31
N SER B 58 8.98 -15.42 -15.60
CA SER B 58 7.61 -15.22 -16.09
C SER B 58 6.97 -14.01 -15.43
N GLY B 59 7.73 -12.94 -15.29
CA GLY B 59 7.19 -11.74 -14.68
C GLY B 59 7.19 -11.79 -13.16
N ASN B 60 7.47 -12.96 -12.59
CA ASN B 60 7.50 -13.09 -11.13
C ASN B 60 8.89 -12.81 -10.59
N LEU B 61 8.98 -12.47 -9.31
CA LEU B 61 10.25 -12.18 -8.68
C LEU B 61 10.59 -13.28 -7.68
N ASN B 62 11.64 -14.04 -7.97
CA ASN B 62 12.05 -15.11 -7.08
C ASN B 62 13.20 -14.58 -6.23
N GLY B 63 12.89 -14.27 -4.98
CA GLY B 63 13.93 -13.75 -4.11
C GLY B 63 14.55 -14.79 -3.20
N PHE B 64 15.85 -14.65 -2.98
CA PHE B 64 16.61 -15.52 -2.09
C PHE B 64 17.17 -14.61 -1.01
N PHE B 65 16.71 -14.80 0.22
CA PHE B 65 17.15 -14.00 1.36
C PHE B 65 17.82 -14.90 2.40
N LEU B 66 18.44 -14.26 3.38
CA LEU B 66 19.05 -14.95 4.51
C LEU B 66 18.30 -14.41 5.72
N THR B 67 18.11 -15.27 6.72
CA THR B 67 17.43 -14.91 7.95
C THR B 67 18.30 -15.39 9.09
N ARG B 68 18.42 -14.58 10.15
CA ARG B 68 19.20 -14.98 11.29
C ARG B 68 18.31 -15.76 12.25
N LYS B 69 18.68 -17.00 12.55
CA LYS B 69 17.90 -17.80 13.48
C LYS B 69 18.81 -18.75 14.23
N ASN B 70 18.69 -18.75 15.56
CA ASN B 70 19.50 -19.61 16.40
C ASN B 70 20.99 -19.54 16.03
N GLY B 71 21.50 -18.31 15.93
CA GLY B 71 22.90 -18.10 15.61
C GLY B 71 23.32 -18.41 14.18
N GLN B 72 22.41 -18.92 13.36
CA GLN B 72 22.73 -19.25 11.98
C GLN B 72 22.06 -18.35 10.94
N CYS B 73 22.68 -18.28 9.76
CA CYS B 73 22.12 -17.50 8.66
C CYS B 73 21.43 -18.54 7.79
N ILE B 74 20.10 -18.52 7.80
CA ILE B 74 19.31 -19.50 7.06
C ILE B 74 18.67 -18.96 5.79
N PRO B 75 18.65 -19.77 4.72
CA PRO B 75 18.05 -19.39 3.44
C PRO B 75 16.55 -19.23 3.55
N LEU B 76 16.01 -18.26 2.81
CA LEU B 76 14.58 -17.99 2.78
C LEU B 76 14.25 -17.67 1.33
N TYR B 77 13.48 -18.55 0.69
CA TYR B 77 13.09 -18.34 -0.71
C TYR B 77 11.63 -17.98 -0.81
N LEU B 78 11.34 -16.86 -1.47
CA LEU B 78 9.98 -16.39 -1.63
C LEU B 78 9.74 -15.86 -3.04
N THR B 79 8.57 -16.16 -3.59
CA THR B 79 8.23 -15.68 -4.92
C THR B 79 7.12 -14.65 -4.83
N ALA B 80 7.37 -13.46 -5.37
CA ALA B 80 6.37 -12.40 -5.40
C ALA B 80 5.76 -12.51 -6.78
N PHE B 81 4.47 -12.85 -6.84
CA PHE B 81 3.79 -13.02 -8.11
C PHE B 81 3.29 -11.75 -8.79
N LYS B 82 3.41 -11.72 -10.11
CA LYS B 82 3.00 -10.57 -10.90
C LYS B 82 1.49 -10.32 -10.87
N THR B 83 1.10 -9.13 -11.30
CA THR B 83 -0.30 -8.73 -11.35
C THR B 83 -0.51 -8.00 -12.66
N GLU B 84 -1.68 -7.40 -12.83
CA GLU B 84 -1.98 -6.66 -14.05
C GLU B 84 -1.28 -5.30 -14.05
N GLU B 85 -0.28 -5.16 -13.18
CA GLU B 85 0.50 -3.92 -13.07
C GLU B 85 1.99 -4.27 -12.95
N ALA B 86 2.76 -3.84 -13.94
CA ALA B 86 4.19 -4.11 -14.04
C ALA B 86 5.06 -4.10 -12.77
N ARG B 87 4.86 -3.12 -11.89
CA ARG B 87 5.67 -3.02 -10.68
C ARG B 87 4.93 -3.44 -9.42
N GLN B 88 3.80 -4.11 -9.58
CA GLN B 88 3.01 -4.55 -8.43
C GLN B 88 3.02 -6.07 -8.35
N PHE B 89 3.18 -6.60 -7.14
CA PHE B 89 3.22 -8.04 -6.94
C PHE B 89 2.43 -8.47 -5.71
N LYS B 90 2.16 -9.76 -5.62
CA LYS B 90 1.42 -10.34 -4.51
C LYS B 90 2.34 -11.35 -3.83
N LEU B 91 2.39 -11.32 -2.51
CA LEU B 91 3.26 -12.23 -1.79
C LEU B 91 2.62 -12.83 -0.55
N ASN B 92 2.71 -14.14 -0.43
CA ASN B 92 2.19 -14.84 0.74
C ASN B 92 3.34 -15.03 1.70
N TYR B 93 3.34 -14.25 2.78
CA TYR B 93 4.38 -14.31 3.81
C TYR B 93 3.92 -13.56 5.04
N TYR B 94 3.98 -14.21 6.20
CA TYR B 94 3.56 -13.59 7.46
C TYR B 94 2.19 -12.99 7.19
N GLY B 95 1.34 -13.77 6.55
CA GLY B 95 0.01 -13.32 6.18
C GLY B 95 0.07 -13.10 4.68
N THR B 96 -0.47 -11.96 4.22
CA THR B 96 -0.45 -11.66 2.79
C THR B 96 0.18 -10.27 2.59
N ASN B 97 0.67 -10.00 1.38
CA ASN B 97 1.29 -8.70 1.12
C ASN B 97 1.09 -8.19 -0.29
N ASP B 98 0.81 -6.90 -0.40
CA ASP B 98 0.73 -6.28 -1.71
C ASP B 98 2.12 -5.63 -1.75
N VAL B 99 2.88 -5.95 -2.79
CA VAL B 99 4.26 -5.45 -2.92
C VAL B 99 4.45 -4.48 -4.08
N TYR B 100 5.14 -3.37 -3.84
CA TYR B 100 5.39 -2.39 -4.89
C TYR B 100 6.87 -2.11 -5.05
N TYR B 101 7.32 -2.11 -6.32
CA TYR B 101 8.71 -1.84 -6.67
C TYR B 101 8.84 -0.42 -7.19
N GLU B 102 9.90 0.27 -6.77
CA GLU B 102 10.15 1.64 -7.20
C GLU B 102 11.65 1.88 -7.33
N SER B 103 12.05 2.69 -8.30
CA SER B 103 13.44 3.07 -8.48
C SER B 103 13.65 3.99 -9.66
N SER B 104 14.26 5.14 -9.41
CA SER B 104 14.55 6.08 -10.47
C SER B 104 15.93 5.78 -11.04
N LYS B 105 16.63 4.83 -10.42
CA LYS B 105 17.96 4.42 -10.86
C LYS B 105 18.07 2.91 -10.71
N PRO B 106 17.33 2.17 -11.55
CA PRO B 106 17.22 0.72 -11.63
C PRO B 106 18.50 -0.10 -11.44
N ASN B 107 19.63 0.40 -11.93
CA ASN B 107 20.86 -0.36 -11.80
C ASN B 107 21.65 0.04 -10.56
N GLU B 108 21.20 1.08 -9.86
CA GLU B 108 21.89 1.54 -8.67
C GLU B 108 21.18 1.09 -7.39
N TYR B 109 19.85 1.11 -7.39
CA TYR B 109 19.11 0.67 -6.21
C TYR B 109 17.72 0.19 -6.57
N ALA B 110 17.09 -0.48 -5.62
CA ALA B 110 15.74 -0.99 -5.77
C ALA B 110 15.02 -0.76 -4.44
N LYS B 111 13.79 -0.25 -4.53
CA LYS B 111 12.98 -0.01 -3.36
C LYS B 111 11.76 -0.90 -3.46
N PHE B 112 11.47 -1.61 -2.37
CA PHE B 112 10.31 -2.49 -2.32
C PHE B 112 9.50 -2.13 -1.10
N ILE B 113 8.22 -1.85 -1.32
CA ILE B 113 7.32 -1.51 -0.23
C ILE B 113 6.36 -2.68 -0.04
N PHE B 114 6.33 -3.21 1.18
CA PHE B 114 5.44 -4.31 1.48
C PHE B 114 4.30 -3.82 2.37
N TYR B 115 3.07 -3.94 1.87
CA TYR B 115 1.91 -3.60 2.67
C TYR B 115 1.49 -4.97 3.17
N ASN B 116 1.83 -5.24 4.42
CA ASN B 116 1.56 -6.52 5.06
C ASN B 116 0.23 -6.56 5.80
N TYR B 117 -0.51 -7.66 5.60
CA TYR B 117 -1.79 -7.85 6.27
C TYR B 117 -1.61 -9.09 7.15
N HIS B 118 -1.56 -8.90 8.46
CA HIS B 118 -1.36 -10.01 9.39
C HIS B 118 -2.43 -9.99 10.47
N ASP B 119 -3.27 -11.02 10.50
CA ASP B 119 -4.35 -11.10 11.49
C ASP B 119 -5.21 -9.85 11.51
N GLY B 120 -5.58 -9.34 10.35
CA GLY B 120 -6.42 -8.15 10.29
C GLY B 120 -5.72 -6.85 10.62
N LYS B 121 -4.40 -6.89 10.78
CA LYS B 121 -3.66 -5.68 11.08
C LYS B 121 -2.77 -5.33 9.89
N VAL B 122 -2.68 -4.04 9.57
CA VAL B 122 -1.89 -3.56 8.44
C VAL B 122 -0.59 -2.89 8.90
N ASN B 123 0.51 -3.19 8.22
CA ASN B 123 1.80 -2.57 8.51
C ASN B 123 2.54 -2.34 7.20
N VAL B 124 3.40 -1.33 7.17
CA VAL B 124 4.17 -1.06 5.97
C VAL B 124 5.63 -1.34 6.26
N VAL B 125 6.27 -2.09 5.37
CA VAL B 125 7.68 -2.42 5.53
C VAL B 125 8.35 -2.01 4.24
N ALA B 126 9.24 -1.03 4.33
CA ALA B 126 9.96 -0.55 3.16
C ALA B 126 11.38 -1.09 3.18
N ASN B 127 11.85 -1.57 2.04
CA ASN B 127 13.19 -2.12 1.90
C ASN B 127 13.96 -1.34 0.84
N LEU B 128 15.19 -0.99 1.14
CA LEU B 128 16.04 -0.27 0.19
C LEU B 128 17.22 -1.21 -0.11
N PHE B 129 17.34 -1.65 -1.36
CA PHE B 129 18.41 -2.57 -1.77
C PHE B 129 19.48 -1.86 -2.60
N GLY B 130 20.72 -2.28 -2.42
CA GLY B 130 21.84 -1.72 -3.16
C GLY B 130 22.65 -2.82 -3.83
N ARG B 131 23.45 -2.45 -4.81
CA ARG B 131 24.28 -3.41 -5.53
C ARG B 131 25.39 -3.91 -4.61
N THR B 132 25.71 -3.12 -3.60
CA THR B 132 26.74 -3.45 -2.63
C THR B 132 26.11 -3.23 -1.24
N PRO B 133 26.84 -3.56 -0.16
CA PRO B 133 26.37 -3.42 1.23
C PRO B 133 25.91 -2.03 1.70
N ASN B 134 26.30 -0.98 0.98
CA ASN B 134 25.89 0.36 1.37
C ASN B 134 25.41 1.11 0.12
N LEU B 135 24.80 2.27 0.33
CA LEU B 135 24.28 3.08 -0.76
C LEU B 135 24.57 4.56 -0.59
N SER B 136 24.52 5.27 -1.71
CA SER B 136 24.75 6.72 -1.75
C SER B 136 23.96 7.42 -0.64
N ASN B 137 24.58 8.42 -0.02
CA ASN B 137 23.91 9.18 1.04
C ASN B 137 22.64 9.82 0.50
N GLU B 138 22.69 10.31 -0.73
CA GLU B 138 21.54 10.96 -1.34
C GLU B 138 20.34 10.01 -1.44
N ILE B 139 20.60 8.80 -1.90
CA ILE B 139 19.55 7.81 -2.04
C ILE B 139 18.96 7.42 -0.67
N LYS B 140 19.84 7.15 0.28
CA LYS B 140 19.39 6.77 1.62
C LYS B 140 18.59 7.88 2.31
N LYS B 141 19.05 9.12 2.19
CA LYS B 141 18.34 10.23 2.82
C LYS B 141 16.94 10.40 2.25
N ARG B 142 16.82 10.32 0.93
CA ARG B 142 15.52 10.46 0.29
C ARG B 142 14.57 9.35 0.76
N PHE B 143 15.10 8.13 0.85
CA PHE B 143 14.32 6.98 1.30
C PHE B 143 13.85 7.21 2.73
N GLU B 144 14.78 7.61 3.58
CA GLU B 144 14.51 7.85 4.99
C GLU B 144 13.55 8.99 5.30
N GLU B 145 13.66 10.09 4.58
CA GLU B 145 12.76 11.19 4.84
C GLU B 145 11.37 10.91 4.27
N ASP B 146 11.30 10.16 3.17
CA ASP B 146 10.00 9.80 2.59
C ASP B 146 9.24 8.97 3.62
N PHE B 147 9.95 8.07 4.28
CA PHE B 147 9.32 7.23 5.30
C PHE B 147 8.88 8.06 6.51
N MET B 148 9.77 8.94 6.97
CA MET B 148 9.45 9.78 8.12
C MET B 148 8.29 10.73 7.83
N ASN B 149 8.21 11.23 6.61
CA ASN B 149 7.14 12.15 6.22
C ASN B 149 5.74 11.55 6.37
N ARG B 150 5.68 10.26 6.68
CA ARG B 150 4.39 9.60 6.84
C ARG B 150 4.05 9.39 8.31
N GLY B 151 4.74 10.14 9.17
CA GLY B 151 4.47 10.07 10.60
C GLY B 151 5.15 8.97 11.40
N PHE B 152 6.37 8.60 11.03
CA PHE B 152 7.08 7.55 11.75
C PHE B 152 8.38 8.04 12.36
N ARG B 153 8.74 7.50 13.52
CA ARG B 153 9.96 7.89 14.22
C ARG B 153 11.20 7.39 13.47
N ARG B 154 12.29 8.16 13.57
CA ARG B 154 13.54 7.79 12.93
C ARG B 154 13.95 6.44 13.52
N GLU B 155 13.43 6.18 14.70
CA GLU B 155 13.66 4.95 15.43
C GLU B 155 13.22 3.75 14.60
N ASN B 156 12.22 3.95 13.76
CA ASN B 156 11.68 2.88 12.92
C ASN B 156 12.42 2.66 11.61
N ILE B 157 13.55 3.34 11.45
CA ILE B 157 14.36 3.18 10.25
C ILE B 157 15.67 2.57 10.69
N LEU B 158 16.02 1.43 10.08
CA LEU B 158 17.24 0.73 10.44
C LEU B 158 18.19 0.64 9.26
N ASP B 159 19.27 1.43 9.31
CA ASP B 159 20.28 1.41 8.27
C ASP B 159 21.22 0.28 8.69
N ILE B 160 21.20 -0.84 7.98
CA ILE B 160 22.05 -1.95 8.39
C ILE B 160 23.38 -2.05 7.65
N SER B 161 23.71 -1.04 6.85
CA SER B 161 24.95 -1.04 6.07
C SER B 161 26.20 -1.26 6.92
N GLU B 162 26.24 -0.69 8.11
CA GLU B 162 27.41 -0.85 8.98
C GLU B 162 27.23 -1.93 10.05
N VAL B 163 26.06 -2.55 10.07
CA VAL B 163 25.78 -3.60 11.04
C VAL B 163 26.22 -4.95 10.49
N ASP B 164 26.90 -5.74 11.32
CA ASP B 164 27.33 -7.05 10.88
C ASP B 164 26.07 -7.90 10.81
N HIS B 165 25.68 -8.31 9.61
CA HIS B 165 24.47 -9.12 9.43
C HIS B 165 24.69 -10.19 8.37
N CYS B 166 23.74 -11.11 8.26
CA CYS B 166 23.85 -12.20 7.28
C CYS B 166 23.98 -11.65 5.87
ZN ZN C . -24.84 9.14 -11.57
CL CL D . -25.94 7.58 -12.96
CL CL E . -26.52 10.61 -10.79
C1 IPA F . -9.80 11.38 -6.18
C2 IPA F . -9.10 12.01 -5.03
C3 IPA F . -9.05 10.71 -4.29
O2 IPA F . -9.85 13.05 -4.36
C1 IPA G . -10.86 10.23 1.76
C2 IPA G . -11.55 9.12 1.07
C3 IPA G . -11.29 9.73 -0.27
O2 IPA G . -12.95 8.98 1.39
ZN ZN H . 27.61 -8.00 -3.16
CL CL I . 28.74 -9.74 -2.23
CL CL J . 29.19 -6.37 -3.58
CL CL K . 22.10 -10.86 11.12
C1 IPA L . 11.47 -10.46 -4.22
C2 IPA L . 10.51 -11.37 -3.54
C3 IPA L . 10.04 -10.28 -2.63
O2 IPA L . 11.13 -12.48 -2.85
C1 IPA M . 10.50 -11.09 3.13
C2 IPA M . 10.72 -9.71 3.62
C3 IPA M . 11.02 -9.21 2.24
O2 IPA M . 11.81 -9.58 4.55
#